data_3DRJ
#
_entry.id   3DRJ
#
_cell.length_a   40.140
_cell.length_b   123.356
_cell.length_c   59.704
_cell.angle_alpha   90.000
_cell.angle_beta   103.910
_cell.angle_gamma   90.000
#
_symmetry.space_group_name_H-M   'P 1 21 1'
#
loop_
_entity.id
_entity.type
_entity.pdbx_description
1 polymer 'Oligopeptide-binding protein oppA'
2 polymer 'pTH-related peptide'
3 water water
#
loop_
_entity_poly.entity_id
_entity_poly.type
_entity_poly.pdbx_seq_one_letter_code
_entity_poly.pdbx_strand_id
1 'polypeptide(L)'
;MGSNQSSSTSTKKLKAGNFDVAYQNPDKAIKGGNLKVAYQSDSPMKAQWLSGLSNDATFATMSGPGGGQDGLFFTDSGFK
FIKGGAADVALDKESKTATITLRKDLKWSDGSEVTAKDYEFTYETIANPAYGSDRWTDSLANIVGLSDYHTGKAKTISGI
TFPDGENGKVIKVQFKEMKPGMTQSGNGYFLETVAPYQYLKDVAPKDLASSPKTTTKPLVTGPFKPENVVAGESIKYVPN
PYYWGEKPKLNSITYEVVSTAKSVAALSSSKYDIINGMVSSQYKQVKNLKGYKVLGQQAMYISLMYYNLGHYDAKNSINV
QDRKTPLQDQNVRQAIGYARNVAEVDNKFSNGLSTPANSLIPPIFKQFTSSSVKGYEKQDLDKANKLLDEDGWKLNKSTG
YREKDGKELSLVYAARVGDANAETIAQNYIQQWKKIGVKVSLYNGKLMEFNSWVDHMTTPPGANDWDITDGSWSLASEPS
QQDLFSAAAPYNFGHFNDSEITKDLNDIDSAKSENPTYRKAAFVKYQEDMNKKAYVIPTNFMLNYTPVNKRVVGMTLDYG
AMNTWSEIGVSSAKLATKGSIEGRHHHHHH
;
A
2 'polypeptide(L)' AHAKA B
#
# COMPACT_ATOMS: atom_id res chain seq x y z
N LEU A 14 15.65 12.59 -8.87
CA LEU A 14 15.17 11.27 -8.38
C LEU A 14 14.92 10.28 -9.53
N LYS A 15 15.37 9.06 -9.33
CA LYS A 15 15.11 7.95 -10.26
C LYS A 15 14.40 6.82 -9.54
N ALA A 16 13.60 6.07 -10.28
CA ALA A 16 13.02 4.81 -9.80
C ALA A 16 13.30 3.75 -10.86
N GLY A 17 14.31 2.93 -10.63
CA GLY A 17 14.79 2.07 -11.70
C GLY A 17 15.37 2.91 -12.81
N ASN A 18 15.05 2.59 -14.05
CA ASN A 18 15.46 3.39 -15.21
C ASN A 18 14.56 4.62 -15.45
N PHE A 19 13.50 4.74 -14.66
CA PHE A 19 12.52 5.79 -14.83
C PHE A 19 12.88 7.07 -14.07
N ASP A 20 12.52 8.20 -14.65
CA ASP A 20 12.50 9.44 -13.92
C ASP A 20 11.20 9.48 -13.11
N VAL A 21 11.33 10.00 -11.89
CA VAL A 21 10.21 10.20 -11.00
C VAL A 21 9.45 11.47 -11.37
N ALA A 22 10.16 12.46 -11.89
CA ALA A 22 9.55 13.72 -12.33
C ALA A 22 9.85 14.00 -13.78
N TYR A 23 8.90 14.67 -14.43
CA TYR A 23 9.11 15.18 -15.79
C TYR A 23 9.52 16.66 -15.67
N GLN A 24 10.81 16.92 -15.88
CA GLN A 24 11.37 18.28 -15.87
C GLN A 24 11.13 18.91 -17.23
N ASN A 25 10.03 19.67 -17.34
CA ASN A 25 9.69 20.35 -18.56
C ASN A 25 10.63 21.55 -18.71
N PRO A 26 11.29 21.66 -19.87
CA PRO A 26 12.20 22.78 -20.04
C PRO A 26 11.43 24.10 -20.18
N ASP A 27 10.15 24.00 -20.59
CA ASP A 27 9.31 25.16 -20.87
C ASP A 27 8.55 25.62 -19.64
N LYS A 28 8.31 26.93 -19.55
CA LYS A 28 7.53 27.50 -18.45
C LYS A 28 6.04 27.21 -18.62
N ALA A 29 5.35 27.16 -17.48
CA ALA A 29 3.89 27.05 -17.47
C ALA A 29 3.26 28.40 -17.77
N ILE A 30 2.20 28.35 -18.54
CA ILE A 30 1.35 29.50 -18.74
C ILE A 30 0.53 29.72 -17.47
N LYS A 31 -0.14 30.88 -17.44
CA LYS A 31 -1.12 31.13 -16.40
C LYS A 31 -2.42 30.62 -16.95
N GLY A 32 -3.09 29.72 -16.24
CA GLY A 32 -4.32 29.07 -16.72
C GLY A 32 -4.16 27.71 -17.36
N GLY A 33 -5.13 27.31 -18.16
CA GLY A 33 -5.09 26.02 -18.81
C GLY A 33 -5.98 24.98 -18.15
N ASN A 34 -6.27 23.95 -18.91
CA ASN A 34 -7.07 22.81 -18.49
C ASN A 34 -6.23 21.53 -18.58
N LEU A 35 -6.14 20.80 -17.48
CA LEU A 35 -5.44 19.51 -17.46
C LEU A 35 -6.46 18.37 -17.52
N LYS A 36 -6.22 17.34 -18.34
CA LYS A 36 -7.16 16.23 -18.45
C LYS A 36 -6.45 14.99 -17.94
N VAL A 37 -6.97 14.45 -16.84
CA VAL A 37 -6.38 13.29 -16.20
C VAL A 37 -7.38 12.13 -16.25
N ALA A 38 -6.87 10.90 -16.34
CA ALA A 38 -7.73 9.75 -16.31
C ALA A 38 -7.20 8.70 -15.34
N TYR A 39 -8.10 7.86 -14.84
CA TYR A 39 -7.73 6.71 -14.01
C TYR A 39 -8.23 5.45 -14.73
N GLN A 40 -7.34 4.50 -14.95
CA GLN A 40 -7.70 3.26 -15.65
C GLN A 40 -8.43 2.34 -14.69
N SER A 41 -9.66 2.02 -15.06
CA SER A 41 -10.52 1.14 -14.28
C SER A 41 -11.62 0.64 -15.16
N ASP A 42 -11.90 -0.67 -15.09
CA ASP A 42 -13.02 -1.25 -15.83
C ASP A 42 -14.27 -1.31 -14.95
N SER A 43 -14.23 -0.59 -13.84
CA SER A 43 -15.34 -0.53 -12.90
C SER A 43 -15.60 0.95 -12.53
N PRO A 44 -16.88 1.35 -12.43
CA PRO A 44 -17.18 2.78 -12.23
C PRO A 44 -16.63 3.35 -10.93
N MET A 45 -16.38 4.66 -10.90
CA MET A 45 -16.02 5.33 -9.65
C MET A 45 -17.28 5.45 -8.79
N LYS A 46 -17.13 5.46 -7.48
CA LYS A 46 -18.23 5.74 -6.58
C LYS A 46 -17.83 6.97 -5.80
N ALA A 47 -18.45 8.09 -6.11
CA ALA A 47 -18.14 9.36 -5.45
C ALA A 47 -18.65 9.36 -4.01
N GLN A 48 -17.74 9.47 -3.06
CA GLN A 48 -18.09 9.65 -1.65
C GLN A 48 -17.00 10.49 -1.04
N TRP A 49 -17.31 11.74 -0.72
CA TRP A 49 -16.29 12.72 -0.33
C TRP A 49 -15.84 12.61 1.11
N LEU A 50 -16.59 11.87 1.91
CA LEU A 50 -16.20 11.61 3.31
C LEU A 50 -15.35 10.37 3.33
N SER A 51 -14.13 10.50 3.85
CA SER A 51 -13.19 9.41 3.84
C SER A 51 -13.76 8.19 4.55
N GLY A 52 -14.43 8.42 5.66
CA GLY A 52 -14.93 7.32 6.50
C GLY A 52 -16.00 6.50 5.84
N LEU A 53 -16.72 7.12 4.93
CA LEU A 53 -17.83 6.42 4.26
C LEU A 53 -17.49 5.86 2.87
N SER A 54 -16.26 6.09 2.42
CA SER A 54 -15.83 5.80 1.06
C SER A 54 -15.07 4.49 1.07
N ASN A 55 -15.42 3.58 0.16
CA ASN A 55 -14.76 2.30 0.07
C ASN A 55 -14.14 2.05 -1.31
N ASP A 56 -14.29 3.01 -2.23
CA ASP A 56 -13.78 2.89 -3.59
C ASP A 56 -12.39 3.51 -3.74
N ALA A 57 -11.40 2.68 -4.01
CA ALA A 57 -10.04 3.15 -4.24
C ALA A 57 -9.90 4.05 -5.49
N THR A 58 -10.73 3.81 -6.51
CA THR A 58 -10.65 4.60 -7.72
C THR A 58 -11.04 6.03 -7.39
N PHE A 59 -12.21 6.22 -6.79
CA PHE A 59 -12.61 7.53 -6.38
C PHE A 59 -11.61 8.16 -5.40
N ALA A 60 -11.11 7.41 -4.43
CA ALA A 60 -10.11 7.97 -3.50
C ALA A 60 -8.96 8.65 -4.26
N THR A 61 -8.42 8.00 -5.28
CA THR A 61 -7.37 8.62 -6.06
C THR A 61 -7.92 9.86 -6.80
N MET A 62 -9.10 9.72 -7.42
CA MET A 62 -9.66 10.80 -8.24
C MET A 62 -10.04 12.01 -7.42
N SER A 63 -10.18 11.83 -6.10
CA SER A 63 -10.45 12.93 -5.16
C SER A 63 -9.21 13.83 -4.91
N GLY A 64 -8.06 13.45 -5.46
CA GLY A 64 -6.81 14.17 -5.13
C GLY A 64 -6.84 15.68 -5.28
N PRO A 65 -7.29 16.21 -6.45
CA PRO A 65 -7.31 17.65 -6.60
C PRO A 65 -8.18 18.38 -5.62
N GLY A 66 -9.18 17.68 -5.10
CA GLY A 66 -10.12 18.26 -4.18
C GLY A 66 -9.65 18.14 -2.72
N GLY A 67 -8.44 17.58 -2.51
CA GLY A 67 -7.92 17.43 -1.13
C GLY A 67 -7.81 15.98 -0.67
N GLY A 68 -8.15 15.02 -1.52
CA GLY A 68 -7.94 13.63 -1.15
C GLY A 68 -8.82 13.19 -0.01
N GLN A 69 -10.09 13.56 -0.12
CA GLN A 69 -11.08 13.38 0.94
C GLN A 69 -10.64 14.10 2.20
N ASP A 70 -10.14 15.30 2.00
CA ASP A 70 -9.82 16.26 3.03
C ASP A 70 -8.80 15.80 4.04
N GLY A 71 -7.75 15.21 3.52
CA GLY A 71 -6.58 14.88 4.33
C GLY A 71 -5.91 16.12 4.90
N LEU A 72 -5.41 15.97 6.11
CA LEU A 72 -4.89 17.11 6.86
C LEU A 72 -3.38 17.23 6.83
N PHE A 73 -2.64 16.13 6.74
CA PHE A 73 -1.21 16.16 7.11
C PHE A 73 -0.31 15.95 5.94
N PHE A 74 0.73 16.75 5.86
CA PHE A 74 1.79 16.54 4.86
C PHE A 74 2.73 15.48 5.43
N THR A 75 3.47 14.84 4.52
CA THR A 75 4.49 13.87 4.88
C THR A 75 5.74 14.08 4.02
N ASP A 76 6.82 13.46 4.45
CA ASP A 76 8.02 13.32 3.63
C ASP A 76 7.80 12.17 2.63
N SER A 77 8.85 11.88 1.88
N SER A 77 8.83 11.84 1.86
CA SER A 77 8.81 10.87 0.84
CA SER A 77 8.69 10.81 0.83
C SER A 77 8.70 9.42 1.34
C SER A 77 8.60 9.38 1.35
N GLY A 78 8.83 9.22 2.66
CA GLY A 78 8.65 7.95 3.31
C GLY A 78 7.37 7.87 4.11
N PHE A 79 6.49 8.86 3.88
CA PHE A 79 5.21 8.92 4.58
C PHE A 79 5.23 9.29 6.07
N LYS A 80 6.34 9.81 6.52
CA LYS A 80 6.46 10.33 7.90
C LYS A 80 5.85 11.70 7.96
N PHE A 81 5.05 11.97 8.98
CA PHE A 81 4.40 13.27 9.07
C PHE A 81 5.42 14.40 9.21
N ILE A 82 5.10 15.50 8.54
CA ILE A 82 5.83 16.77 8.67
C ILE A 82 4.82 17.85 8.92
N LYS A 83 5.32 19.01 9.31
CA LYS A 83 4.48 20.18 9.52
C LYS A 83 4.24 20.84 8.17
N GLY A 84 3.18 21.64 8.11
CA GLY A 84 3.00 22.57 6.98
C GLY A 84 1.76 22.35 6.13
N GLY A 85 1.05 21.26 6.37
CA GLY A 85 -0.16 20.94 5.62
C GLY A 85 -1.35 21.69 6.15
N ALA A 86 -2.53 21.21 5.87
CA ALA A 86 -3.75 21.81 6.38
C ALA A 86 -3.75 21.84 7.89
N ALA A 87 -3.10 20.86 8.50
CA ALA A 87 -2.93 20.79 9.93
C ALA A 87 -1.58 20.19 10.24
N ASP A 88 -1.14 20.39 11.49
CA ASP A 88 0.06 19.76 12.02
C ASP A 88 -0.40 18.81 13.13
N VAL A 89 0.33 17.70 13.32
CA VAL A 89 0.09 16.77 14.40
C VAL A 89 1.36 16.61 15.23
N ALA A 90 1.22 16.66 16.56
CA ALA A 90 2.30 16.49 17.49
C ALA A 90 1.96 15.42 18.51
N LEU A 91 2.91 14.55 18.80
CA LEU A 91 2.74 13.50 19.78
C LEU A 91 3.41 13.89 21.05
N ASP A 92 2.79 13.54 22.17
CA ASP A 92 3.35 13.75 23.50
C ASP A 92 3.20 12.43 24.28
N LYS A 93 4.33 11.75 24.46
CA LYS A 93 4.41 10.44 25.08
C LYS A 93 3.85 10.40 26.49
N GLU A 94 4.17 11.44 27.26
CA GLU A 94 3.83 11.45 28.68
C GLU A 94 2.37 11.81 28.94
N SER A 95 1.77 12.59 28.04
CA SER A 95 0.33 12.91 27.99
C SER A 95 -0.49 11.74 27.37
N LYS A 96 0.22 10.84 26.68
CA LYS A 96 -0.37 9.84 25.76
C LYS A 96 -1.34 10.52 24.78
N THR A 97 -0.88 11.51 24.04
N THR A 97 -0.93 11.65 24.18
CA THR A 97 -1.83 12.27 23.28
CA THR A 97 -1.79 12.37 23.21
C THR A 97 -1.25 12.68 21.92
C THR A 97 -1.19 12.59 21.84
N ALA A 98 -2.09 12.69 20.87
CA ALA A 98 -1.78 13.38 19.62
C ALA A 98 -2.54 14.69 19.67
N THR A 99 -1.87 15.80 19.36
CA THR A 99 -2.51 17.10 19.26
C THR A 99 -2.49 17.59 17.83
N ILE A 100 -3.67 17.87 17.32
CA ILE A 100 -3.89 18.27 15.92
C ILE A 100 -4.18 19.76 15.95
N THR A 101 -3.37 20.55 15.26
CA THR A 101 -3.57 21.98 15.17
C THR A 101 -3.90 22.32 13.73
N LEU A 102 -5.16 22.70 13.48
CA LEU A 102 -5.62 23.12 12.16
C LEU A 102 -5.04 24.47 11.84
N ARG A 103 -4.71 24.76 10.57
CA ARG A 103 -4.24 26.12 10.24
C ARG A 103 -5.32 27.15 10.51
N LYS A 104 -4.90 28.35 10.88
CA LYS A 104 -5.83 29.47 11.04
C LYS A 104 -6.70 29.72 9.78
N ASP A 105 -6.13 29.53 8.60
CA ASP A 105 -6.74 29.87 7.32
C ASP A 105 -7.45 28.71 6.63
N LEU A 106 -7.58 27.58 7.34
CA LEU A 106 -8.19 26.41 6.77
C LEU A 106 -9.69 26.63 6.78
N LYS A 107 -10.20 26.68 5.56
CA LYS A 107 -11.62 26.87 5.30
C LYS A 107 -12.14 25.74 4.38
N TRP A 108 -13.44 25.55 4.44
CA TRP A 108 -14.15 24.72 3.48
C TRP A 108 -14.37 25.53 2.20
N SER A 109 -14.81 24.85 1.15
CA SER A 109 -14.91 25.48 -0.17
C SER A 109 -16.09 26.45 -0.32
N ASP A 110 -16.95 26.55 0.70
CA ASP A 110 -17.96 27.63 0.79
C ASP A 110 -17.49 28.83 1.60
N GLY A 111 -16.28 28.76 2.13
CA GLY A 111 -15.72 29.83 2.95
C GLY A 111 -15.92 29.66 4.46
N SER A 112 -16.65 28.62 4.86
CA SER A 112 -16.84 28.28 6.26
C SER A 112 -15.52 27.82 6.86
N GLU A 113 -15.34 28.07 8.14
N GLU A 113 -15.31 28.11 8.14
CA GLU A 113 -14.12 27.70 8.83
CA GLU A 113 -14.06 27.73 8.82
C GLU A 113 -14.06 26.20 9.08
C GLU A 113 -14.04 26.23 9.09
N VAL A 114 -12.86 25.63 8.95
CA VAL A 114 -12.65 24.25 9.39
C VAL A 114 -12.25 24.36 10.86
N THR A 115 -13.05 23.74 11.74
CA THR A 115 -12.84 23.85 13.16
C THR A 115 -12.60 22.48 13.78
N ALA A 116 -12.27 22.49 15.06
CA ALA A 116 -12.03 21.27 15.81
C ALA A 116 -13.17 20.29 15.74
N LYS A 117 -14.42 20.77 15.76
CA LYS A 117 -15.56 19.88 15.61
C LYS A 117 -15.54 19.06 14.31
N ASP A 118 -15.06 19.68 13.25
CA ASP A 118 -15.01 19.00 11.95
C ASP A 118 -14.05 17.79 11.97
N TYR A 119 -12.99 17.87 12.77
CA TYR A 119 -12.09 16.75 12.95
C TYR A 119 -12.71 15.66 13.83
N GLU A 120 -13.26 16.06 14.97
CA GLU A 120 -13.99 15.09 15.80
C GLU A 120 -15.11 14.43 15.00
N PHE A 121 -15.79 15.18 14.15
CA PHE A 121 -16.95 14.62 13.42
C PHE A 121 -16.51 13.44 12.52
N THR A 122 -15.31 13.49 11.96
CA THR A 122 -14.79 12.34 11.21
C THR A 122 -14.87 11.09 12.04
N TYR A 123 -14.47 11.16 13.31
CA TYR A 123 -14.56 10.01 14.19
C TYR A 123 -15.98 9.49 14.34
N GLU A 124 -16.93 10.39 14.50
CA GLU A 124 -18.32 9.97 14.55
C GLU A 124 -18.76 9.25 13.31
N THR A 125 -18.33 9.72 12.13
CA THR A 125 -18.76 9.08 10.89
C THR A 125 -18.27 7.64 10.77
N ILE A 126 -17.17 7.31 11.42
CA ILE A 126 -16.63 5.95 11.37
C ILE A 126 -17.11 5.11 12.55
N ALA A 127 -17.21 5.72 13.72
CA ALA A 127 -17.45 5.00 14.98
C ALA A 127 -18.92 4.85 15.37
N ASN A 128 -19.77 5.79 14.96
CA ASN A 128 -21.21 5.65 15.22
C ASN A 128 -21.79 4.79 14.11
N PRO A 129 -22.26 3.57 14.44
CA PRO A 129 -22.69 2.71 13.34
C PRO A 129 -23.85 3.24 12.51
N ALA A 130 -24.56 4.24 13.02
CA ALA A 130 -25.71 4.76 12.26
C ALA A 130 -25.30 5.33 10.89
N TYR A 131 -24.02 5.71 10.71
CA TYR A 131 -23.60 6.21 9.41
C TYR A 131 -23.26 5.11 8.38
N GLY A 132 -23.15 3.87 8.85
CA GLY A 132 -22.88 2.75 7.96
C GLY A 132 -21.47 2.55 7.47
N SER A 133 -20.50 3.16 8.15
CA SER A 133 -19.10 2.99 7.77
C SER A 133 -18.63 1.54 7.87
N ASP A 134 -17.74 1.18 6.96
CA ASP A 134 -17.03 -0.08 6.99
C ASP A 134 -15.63 0.08 7.53
N ARG A 135 -15.26 1.27 8.03
CA ARG A 135 -13.86 1.52 8.34
C ARG A 135 -13.49 1.50 9.81
N TRP A 136 -14.41 1.07 10.67
CA TRP A 136 -14.00 0.87 12.07
C TRP A 136 -12.93 -0.20 12.11
N THR A 137 -11.89 0.03 12.91
CA THR A 137 -10.83 -0.95 13.18
C THR A 137 -10.56 -1.04 14.67
N ASP A 138 -9.98 -2.16 15.07
CA ASP A 138 -9.60 -2.43 16.45
C ASP A 138 -8.62 -1.40 16.94
N SER A 139 -7.77 -0.89 16.04
CA SER A 139 -6.83 0.20 16.36
C SER A 139 -7.53 1.39 16.99
N LEU A 140 -8.75 1.69 16.58
CA LEU A 140 -9.48 2.86 17.09
C LEU A 140 -9.94 2.64 18.52
N ALA A 141 -10.03 1.38 18.94
CA ALA A 141 -10.36 1.08 20.33
C ALA A 141 -9.29 1.56 21.31
N ASN A 142 -8.10 1.86 20.78
CA ASN A 142 -7.01 2.41 21.59
C ASN A 142 -7.16 3.90 21.88
N ILE A 143 -8.17 4.56 21.31
CA ILE A 143 -8.48 5.92 21.72
C ILE A 143 -9.43 5.87 22.94
N VAL A 144 -9.03 6.59 24.00
CA VAL A 144 -9.84 6.61 25.25
C VAL A 144 -11.31 6.91 24.92
N GLY A 145 -12.20 6.06 25.40
CA GLY A 145 -13.63 6.26 25.27
C GLY A 145 -14.25 5.98 23.90
N LEU A 146 -13.43 5.71 22.90
CA LEU A 146 -14.01 5.57 21.58
C LEU A 146 -14.75 4.25 21.40
N SER A 147 -14.25 3.16 21.96
CA SER A 147 -14.98 1.89 21.91
C SER A 147 -16.36 2.05 22.55
N ASP A 148 -16.44 2.80 23.65
CA ASP A 148 -17.68 2.98 24.38
C ASP A 148 -18.64 3.83 23.56
N TYR A 149 -18.11 4.81 22.82
CA TYR A 149 -18.96 5.56 21.91
C TYR A 149 -19.47 4.67 20.78
N HIS A 150 -18.56 3.87 20.22
CA HIS A 150 -18.87 2.90 19.16
C HIS A 150 -19.98 1.90 19.50
N THR A 151 -19.99 1.43 20.72
CA THR A 151 -21.00 0.41 21.13
C THR A 151 -22.25 1.03 21.77
N GLY A 152 -22.28 2.37 21.89
CA GLY A 152 -23.44 3.07 22.42
C GLY A 152 -23.43 3.22 23.94
N LYS A 153 -22.37 2.73 24.59
CA LYS A 153 -22.20 2.87 26.03
C LYS A 153 -21.99 4.34 26.46
N ALA A 154 -21.40 5.13 25.57
CA ALA A 154 -21.21 6.57 25.81
C ALA A 154 -21.75 7.44 24.69
N LYS A 155 -22.23 8.64 25.01
CA LYS A 155 -22.82 9.51 23.97
C LYS A 155 -21.80 10.47 23.36
N THR A 156 -20.64 10.58 23.98
CA THR A 156 -19.53 11.38 23.46
C THR A 156 -18.26 10.53 23.44
N ILE A 157 -17.21 11.09 22.84
CA ILE A 157 -15.91 10.41 22.79
C ILE A 157 -15.00 11.09 23.83
N SER A 158 -14.82 10.45 24.98
CA SER A 158 -14.13 11.08 26.09
C SER A 158 -12.66 11.39 25.80
N GLY A 159 -12.05 10.60 24.92
CA GLY A 159 -10.67 10.79 24.54
C GLY A 159 -10.39 11.93 23.58
N ILE A 160 -11.43 12.58 23.07
CA ILE A 160 -11.23 13.71 22.15
C ILE A 160 -11.67 14.97 22.82
N THR A 161 -10.74 15.90 23.00
CA THR A 161 -11.01 17.13 23.72
C THR A 161 -10.55 18.32 22.89
N PHE A 162 -11.02 19.50 23.29
CA PHE A 162 -10.86 20.74 22.53
C PHE A 162 -10.29 21.80 23.46
N PRO A 163 -8.95 21.96 23.51
CA PRO A 163 -8.36 22.99 24.38
C PRO A 163 -8.96 24.37 24.22
N ASP A 164 -9.34 24.75 23.00
CA ASP A 164 -9.87 26.07 22.72
C ASP A 164 -11.33 26.02 22.23
N GLY A 165 -12.04 24.97 22.61
CA GLY A 165 -13.44 24.84 22.24
C GLY A 165 -13.63 24.16 20.89
N GLU A 166 -14.87 23.74 20.63
CA GLU A 166 -15.24 23.08 19.36
C GLU A 166 -15.02 23.98 18.18
N ASN A 167 -15.09 25.29 18.38
CA ASN A 167 -14.97 26.20 17.25
C ASN A 167 -13.57 26.79 17.12
N GLY A 168 -12.65 26.27 17.94
CA GLY A 168 -11.23 26.57 17.83
C GLY A 168 -10.58 25.64 16.83
N LYS A 169 -9.25 25.58 16.90
CA LYS A 169 -8.43 24.93 15.87
C LYS A 169 -7.62 23.75 16.39
N VAL A 170 -7.76 23.41 17.66
CA VAL A 170 -6.91 22.39 18.28
C VAL A 170 -7.72 21.22 18.79
N ILE A 171 -7.27 20.00 18.50
CA ILE A 171 -7.91 18.80 19.00
C ILE A 171 -6.90 17.91 19.65
N LYS A 172 -7.21 17.40 20.83
CA LYS A 172 -6.35 16.48 21.55
C LYS A 172 -7.02 15.13 21.53
N VAL A 173 -6.24 14.12 21.16
CA VAL A 173 -6.71 12.74 21.11
C VAL A 173 -5.89 11.94 22.08
N GLN A 174 -6.55 11.37 23.09
CA GLN A 174 -5.91 10.59 24.12
C GLN A 174 -5.96 9.10 23.83
N PHE A 175 -4.82 8.43 23.94
CA PHE A 175 -4.71 7.00 23.73
C PHE A 175 -4.51 6.20 25.03
N LYS A 176 -4.87 4.93 25.00
CA LYS A 176 -4.52 3.99 26.09
C LYS A 176 -3.03 3.66 26.03
N GLU A 177 -2.48 3.60 24.83
CA GLU A 177 -1.09 3.29 24.64
C GLU A 177 -0.57 4.10 23.46
N MET A 178 0.61 4.71 23.54
CA MET A 178 1.24 5.21 22.32
C MET A 178 1.75 4.04 21.49
N LYS A 179 1.95 4.30 20.21
CA LYS A 179 2.41 3.29 19.25
C LYS A 179 3.48 3.92 18.37
N PRO A 180 4.56 3.20 18.08
CA PRO A 180 5.62 3.79 17.28
C PRO A 180 5.22 4.21 15.87
N GLY A 181 4.23 3.53 15.30
CA GLY A 181 3.78 3.89 13.96
C GLY A 181 3.01 5.20 13.91
N MET A 182 2.79 5.84 15.06
CA MET A 182 2.00 7.08 15.05
C MET A 182 2.64 8.26 14.33
N THR A 183 3.92 8.18 13.98
CA THR A 183 4.52 9.23 13.16
C THR A 183 4.41 8.91 11.66
N GLN A 184 3.78 7.79 11.27
CA GLN A 184 3.55 7.46 9.88
C GLN A 184 2.12 7.71 9.47
N SER A 185 1.93 8.38 8.34
CA SER A 185 0.62 8.49 7.76
C SER A 185 0.09 7.11 7.47
N GLY A 186 -1.21 6.95 7.59
CA GLY A 186 -1.83 5.65 7.38
C GLY A 186 -1.75 4.70 8.56
N ASN A 187 -1.31 5.16 9.73
CA ASN A 187 -1.12 4.27 10.85
C ASN A 187 -2.43 3.71 11.42
N GLY A 188 -3.50 4.50 11.28
CA GLY A 188 -4.83 4.03 11.68
C GLY A 188 -5.15 4.16 13.14
N TYR A 189 -4.21 4.58 13.97
CA TYR A 189 -4.46 4.76 15.40
C TYR A 189 -5.17 6.08 15.68
N PHE A 190 -5.00 7.02 14.74
CA PHE A 190 -5.80 8.24 14.73
C PHE A 190 -6.06 8.56 13.28
N LEU A 191 -7.04 9.43 13.06
CA LEU A 191 -7.51 9.72 11.71
C LEU A 191 -6.96 11.02 11.16
N GLU A 192 -7.02 11.16 9.84
CA GLU A 192 -6.30 12.24 9.19
C GLU A 192 -7.13 13.16 8.32
N THR A 193 -8.45 13.15 8.48
CA THR A 193 -9.35 13.91 7.63
C THR A 193 -10.37 14.65 8.46
N VAL A 194 -10.95 15.71 7.86
CA VAL A 194 -12.05 16.45 8.44
C VAL A 194 -13.33 16.23 7.64
N ALA A 195 -14.47 16.42 8.28
CA ALA A 195 -15.79 16.34 7.64
C ALA A 195 -16.54 17.61 8.02
N PRO A 196 -17.36 18.13 7.11
CA PRO A 196 -17.95 19.46 7.30
C PRO A 196 -19.25 19.40 8.12
N TYR A 197 -19.07 19.47 9.44
CA TYR A 197 -20.19 19.29 10.38
C TYR A 197 -21.30 20.27 10.15
N GLN A 198 -21.00 21.56 10.01
CA GLN A 198 -22.11 22.53 9.84
C GLN A 198 -22.92 22.29 8.58
N TYR A 199 -22.27 21.80 7.54
CA TYR A 199 -22.93 21.44 6.30
C TYR A 199 -23.81 20.20 6.39
N LEU A 200 -23.44 19.25 7.26
CA LEU A 200 -24.01 17.90 7.20
C LEU A 200 -24.82 17.54 8.43
N LYS A 201 -24.81 18.40 9.44
CA LYS A 201 -25.34 18.10 10.77
C LYS A 201 -26.82 17.75 10.83
N ASP A 202 -27.57 18.21 9.84
CA ASP A 202 -29.02 17.96 9.85
C ASP A 202 -29.43 16.79 8.97
N VAL A 203 -28.46 16.14 8.34
CA VAL A 203 -28.74 14.90 7.60
C VAL A 203 -28.76 13.75 8.61
N ALA A 204 -29.78 12.88 8.58
CA ALA A 204 -29.81 11.74 9.48
C ALA A 204 -28.61 10.87 9.17
N PRO A 205 -27.92 10.36 10.21
CA PRO A 205 -26.74 9.56 9.91
C PRO A 205 -26.94 8.46 8.86
N LYS A 206 -28.04 7.73 8.93
CA LYS A 206 -28.29 6.64 7.98
C LYS A 206 -28.48 7.10 6.55
N ASP A 207 -28.75 8.39 6.36
CA ASP A 207 -28.93 8.96 5.03
C ASP A 207 -27.69 9.72 4.51
N LEU A 208 -26.65 9.79 5.32
CA LEU A 208 -25.53 10.66 4.96
C LEU A 208 -24.78 10.20 3.70
N ALA A 209 -24.46 8.91 3.62
CA ALA A 209 -23.67 8.37 2.49
C ALA A 209 -24.34 8.52 1.12
N SER A 210 -25.66 8.58 1.09
CA SER A 210 -26.40 8.76 -0.15
C SER A 210 -26.91 10.18 -0.36
N SER A 211 -26.61 11.11 0.54
CA SER A 211 -26.97 12.50 0.39
C SER A 211 -26.20 13.12 -0.77
N PRO A 212 -26.84 14.02 -1.54
CA PRO A 212 -26.10 14.85 -2.48
C PRO A 212 -24.90 15.52 -1.83
N LYS A 213 -25.06 15.94 -0.58
CA LYS A 213 -24.02 16.67 0.16
C LYS A 213 -22.72 15.91 0.40
N THR A 214 -22.71 14.61 0.19
CA THR A 214 -21.48 13.83 0.29
C THR A 214 -21.05 13.15 -1.02
N THR A 215 -21.77 13.46 -2.11
CA THR A 215 -21.61 12.72 -3.35
C THR A 215 -21.44 13.67 -4.53
N THR A 216 -22.52 14.35 -4.89
CA THR A 216 -22.49 15.27 -6.03
C THR A 216 -22.20 16.72 -5.68
N LYS A 217 -22.54 17.13 -4.46
CA LYS A 217 -22.39 18.51 -4.02
C LYS A 217 -21.74 18.62 -2.65
N PRO A 218 -20.46 18.22 -2.54
CA PRO A 218 -19.79 18.28 -1.26
C PRO A 218 -19.13 19.62 -1.00
N LEU A 219 -18.72 19.83 0.25
CA LEU A 219 -17.69 20.83 0.59
C LEU A 219 -16.34 20.11 0.69
N VAL A 220 -15.28 20.76 0.26
CA VAL A 220 -13.92 20.18 0.31
C VAL A 220 -12.97 21.25 0.81
N THR A 221 -11.73 20.81 1.09
CA THR A 221 -10.70 21.71 1.58
C THR A 221 -9.51 21.88 0.63
N GLY A 222 -9.49 21.17 -0.50
CA GLY A 222 -8.33 21.12 -1.33
C GLY A 222 -8.19 22.31 -2.29
N PRO A 223 -7.16 22.29 -3.13
CA PRO A 223 -6.89 23.41 -4.02
C PRO A 223 -7.95 23.57 -5.10
N PHE A 224 -8.62 22.48 -5.43
CA PHE A 224 -9.73 22.53 -6.37
C PHE A 224 -10.97 22.01 -5.67
N LYS A 225 -12.11 22.40 -6.19
CA LYS A 225 -13.40 21.89 -5.72
C LYS A 225 -14.12 21.27 -6.92
N PRO A 226 -14.99 20.29 -6.67
CA PRO A 226 -15.74 19.63 -7.75
C PRO A 226 -16.92 20.45 -8.25
N GLU A 227 -16.81 20.96 -9.46
CA GLU A 227 -17.88 21.76 -10.06
C GLU A 227 -18.99 20.85 -10.59
N ASN A 228 -18.61 19.68 -11.08
CA ASN A 228 -19.56 18.69 -11.55
C ASN A 228 -19.03 17.30 -11.33
N VAL A 229 -19.88 16.40 -10.87
CA VAL A 229 -19.58 14.98 -10.71
C VAL A 229 -20.57 14.26 -11.61
N VAL A 230 -20.07 13.44 -12.52
CA VAL A 230 -20.91 12.55 -13.33
C VAL A 230 -20.77 11.17 -12.74
N ALA A 231 -21.85 10.66 -12.16
CA ALA A 231 -21.79 9.45 -11.35
C ALA A 231 -21.15 8.30 -12.15
N GLY A 232 -20.18 7.66 -11.50
CA GLY A 232 -19.44 6.55 -12.08
C GLY A 232 -18.29 6.92 -13.00
N GLU A 233 -18.23 8.17 -13.42
CA GLU A 233 -17.38 8.53 -14.55
C GLU A 233 -16.34 9.60 -14.30
N SER A 234 -16.76 10.77 -13.83
CA SER A 234 -15.87 11.91 -13.92
C SER A 234 -16.15 13.01 -12.93
N ILE A 235 -15.12 13.84 -12.76
CA ILE A 235 -15.18 15.06 -11.96
C ILE A 235 -14.59 16.20 -12.74
N LYS A 236 -15.30 17.31 -12.84
CA LYS A 236 -14.72 18.55 -13.32
C LYS A 236 -14.34 19.37 -12.10
N TYR A 237 -13.05 19.67 -11.99
CA TYR A 237 -12.50 20.47 -10.90
C TYR A 237 -12.20 21.90 -11.29
N VAL A 238 -12.57 22.84 -10.43
CA VAL A 238 -12.24 24.25 -10.60
C VAL A 238 -11.56 24.81 -9.34
N PRO A 239 -10.87 25.94 -9.45
CA PRO A 239 -10.14 26.43 -8.29
C PRO A 239 -11.06 26.68 -7.10
N ASN A 240 -10.61 26.27 -5.91
CA ASN A 240 -11.31 26.54 -4.68
C ASN A 240 -10.79 27.86 -4.16
N PRO A 241 -11.65 28.91 -4.24
CA PRO A 241 -11.30 30.24 -3.79
C PRO A 241 -10.70 30.33 -2.38
N TYR A 242 -11.14 29.46 -1.49
CA TYR A 242 -10.83 29.57 -0.08
C TYR A 242 -9.63 28.68 0.33
N TYR A 243 -8.97 28.05 -0.64
CA TYR A 243 -7.80 27.22 -0.34
C TYR A 243 -6.75 28.03 0.39
N TRP A 244 -6.14 27.44 1.42
CA TRP A 244 -5.15 28.16 2.23
C TRP A 244 -3.82 28.41 1.56
N GLY A 245 -3.49 27.57 0.58
CA GLY A 245 -2.24 27.69 -0.15
C GLY A 245 -2.31 28.71 -1.28
N GLU A 246 -1.32 28.68 -2.17
CA GLU A 246 -1.35 29.59 -3.30
C GLU A 246 -2.39 29.11 -4.29
N LYS A 247 -2.89 30.08 -5.06
CA LYS A 247 -3.82 29.77 -6.13
C LYS A 247 -3.12 28.83 -7.07
N PRO A 248 -3.87 27.88 -7.63
CA PRO A 248 -3.32 26.99 -8.60
C PRO A 248 -2.98 27.68 -9.90
N LYS A 249 -2.13 27.05 -10.69
CA LYS A 249 -1.81 27.57 -12.02
C LYS A 249 -2.99 27.38 -12.97
N LEU A 250 -3.59 26.20 -12.91
CA LEU A 250 -4.60 25.80 -13.88
C LEU A 250 -5.95 26.44 -13.62
N ASN A 251 -6.69 26.65 -14.69
CA ASN A 251 -8.10 27.06 -14.56
C ASN A 251 -9.07 25.91 -14.26
N SER A 252 -8.72 24.70 -14.67
CA SER A 252 -9.56 23.55 -14.41
C SER A 252 -8.78 22.26 -14.59
N ILE A 253 -9.27 21.19 -13.96
CA ILE A 253 -8.79 19.83 -14.15
C ILE A 253 -10.03 18.97 -14.36
N THR A 254 -10.00 18.09 -15.35
CA THR A 254 -10.99 17.03 -15.48
C THR A 254 -10.35 15.70 -15.14
N TYR A 255 -11.06 14.87 -14.39
CA TYR A 255 -10.54 13.58 -13.95
C TYR A 255 -11.63 12.57 -14.33
N GLU A 256 -11.28 11.59 -15.17
CA GLU A 256 -12.24 10.68 -15.76
C GLU A 256 -11.79 9.24 -15.63
N VAL A 257 -12.73 8.30 -15.47
CA VAL A 257 -12.43 6.85 -15.58
C VAL A 257 -12.23 6.52 -17.06
N VAL A 258 -11.22 5.70 -17.36
CA VAL A 258 -11.03 5.14 -18.70
C VAL A 258 -10.84 3.65 -18.56
N SER A 259 -11.42 2.88 -19.48
CA SER A 259 -11.30 1.42 -19.43
C SER A 259 -9.90 1.01 -19.82
N THR A 260 -9.49 -0.18 -19.38
CA THR A 260 -8.20 -0.76 -19.77
C THR A 260 -8.10 -0.84 -21.30
N ALA A 261 -9.21 -1.24 -21.94
CA ALA A 261 -9.23 -1.42 -23.38
C ALA A 261 -9.11 -0.12 -24.15
N LYS A 262 -9.44 1.02 -23.52
CA LYS A 262 -9.42 2.30 -24.23
C LYS A 262 -8.26 3.23 -23.86
N SER A 263 -7.48 2.89 -22.84
CA SER A 263 -6.38 3.75 -22.40
C SER A 263 -5.36 4.11 -23.51
N VAL A 264 -4.80 3.11 -24.17
CA VAL A 264 -3.73 3.39 -25.17
C VAL A 264 -4.21 4.27 -26.32
N ALA A 265 -5.40 3.99 -26.85
CA ALA A 265 -5.96 4.84 -27.89
C ALA A 265 -6.18 6.26 -27.38
N ALA A 266 -6.63 6.41 -26.13
CA ALA A 266 -6.78 7.74 -25.54
C ALA A 266 -5.48 8.50 -25.53
N LEU A 267 -4.38 7.78 -25.27
CA LEU A 267 -3.04 8.37 -25.36
C LEU A 267 -2.69 8.74 -26.79
N SER A 268 -2.99 7.84 -27.73
CA SER A 268 -2.75 8.10 -29.15
C SER A 268 -3.49 9.33 -29.63
N SER A 269 -4.74 9.49 -29.17
CA SER A 269 -5.60 10.60 -29.56
C SER A 269 -5.44 11.85 -28.70
N SER A 270 -4.50 11.83 -27.77
CA SER A 270 -4.24 12.93 -26.83
C SER A 270 -5.51 13.37 -26.06
N LYS A 271 -6.40 12.42 -25.77
CA LYS A 271 -7.60 12.69 -24.97
C LYS A 271 -7.22 13.12 -23.54
N TYR A 272 -6.20 12.48 -23.00
CA TYR A 272 -5.73 12.78 -21.64
C TYR A 272 -4.29 13.20 -21.62
N ASP A 273 -3.97 14.11 -20.70
CA ASP A 273 -2.59 14.54 -20.46
C ASP A 273 -1.86 13.57 -19.57
N ILE A 274 -2.59 12.91 -18.65
CA ILE A 274 -2.03 11.95 -17.68
C ILE A 274 -3.00 10.80 -17.54
N ILE A 275 -2.51 9.57 -17.60
CA ILE A 275 -3.33 8.39 -17.24
C ILE A 275 -2.65 7.65 -16.11
N ASN A 276 -3.40 7.47 -15.03
CA ASN A 276 -2.91 6.80 -13.84
C ASN A 276 -3.48 5.41 -13.74
N GLY A 277 -2.79 4.61 -12.94
CA GLY A 277 -3.20 3.26 -12.69
C GLY A 277 -2.98 2.32 -13.85
N MET A 278 -2.22 2.72 -14.87
CA MET A 278 -1.98 1.80 -16.00
C MET A 278 -1.20 0.59 -15.49
N VAL A 279 -1.61 -0.59 -15.95
CA VAL A 279 -1.08 -1.86 -15.46
C VAL A 279 0.25 -2.12 -16.10
N SER A 280 1.03 -3.00 -15.49
CA SER A 280 2.34 -3.38 -16.01
C SER A 280 2.32 -4.00 -17.43
N SER A 281 1.21 -4.62 -17.78
CA SER A 281 1.15 -5.34 -19.04
C SER A 281 1.40 -4.39 -20.21
N GLN A 282 0.43 -3.48 -20.44
CA GLN A 282 0.31 -2.48 -21.58
C GLN A 282 1.51 -1.63 -22.04
N TYR A 283 2.63 -1.79 -21.34
CA TYR A 283 3.73 -0.82 -21.37
C TYR A 283 4.42 -0.57 -22.72
N LYS A 284 4.65 -1.60 -23.54
CA LYS A 284 5.43 -1.35 -24.75
C LYS A 284 4.60 -0.62 -25.80
N GLN A 285 3.28 -0.71 -25.71
CA GLN A 285 2.39 0.15 -26.52
C GLN A 285 2.53 1.62 -26.10
N VAL A 286 2.70 1.83 -24.80
CA VAL A 286 2.87 3.18 -24.24
C VAL A 286 4.28 3.74 -24.40
N LYS A 287 5.31 2.92 -24.22
CA LYS A 287 6.70 3.40 -24.11
C LYS A 287 7.23 4.06 -25.39
N ASN A 288 6.67 3.71 -26.54
CA ASN A 288 7.09 4.28 -27.82
C ASN A 288 6.28 5.52 -28.26
N LEU A 289 5.09 5.70 -27.70
CA LEU A 289 4.23 6.82 -28.05
C LEU A 289 4.96 8.15 -27.87
N LYS A 290 5.14 8.86 -28.98
CA LYS A 290 5.74 10.18 -28.93
C LYS A 290 4.78 11.15 -28.28
N GLY A 291 5.33 12.25 -27.81
CA GLY A 291 4.54 13.25 -27.18
C GLY A 291 4.27 12.98 -25.71
N TYR A 292 4.71 11.83 -25.19
CA TYR A 292 4.63 11.54 -23.75
C TYR A 292 5.97 11.24 -23.14
N LYS A 293 6.12 11.65 -21.89
CA LYS A 293 7.23 11.25 -21.05
C LYS A 293 6.64 10.25 -20.06
N VAL A 294 7.24 9.07 -19.96
CA VAL A 294 6.73 8.07 -19.03
C VAL A 294 7.51 8.14 -17.74
N LEU A 295 6.83 8.47 -16.64
CA LEU A 295 7.45 8.52 -15.31
C LEU A 295 7.23 7.24 -14.56
N GLY A 296 8.06 6.99 -13.56
CA GLY A 296 7.94 5.76 -12.80
C GLY A 296 8.22 6.00 -11.34
N GLN A 297 7.70 5.09 -10.51
CA GLN A 297 7.81 5.20 -9.09
C GLN A 297 7.66 3.80 -8.51
N GLN A 298 8.36 3.57 -7.44
CA GLN A 298 8.21 2.28 -6.78
C GLN A 298 6.89 2.17 -6.06
N ALA A 299 6.22 1.02 -6.23
CA ALA A 299 4.90 0.79 -5.69
C ALA A 299 4.99 0.38 -4.24
N MET A 300 3.88 0.59 -3.55
CA MET A 300 3.72 0.16 -2.17
C MET A 300 3.37 -1.31 -2.19
N TYR A 301 4.41 -2.14 -2.38
CA TYR A 301 4.21 -3.53 -2.87
C TYR A 301 5.40 -4.44 -2.56
N ILE A 302 5.06 -5.68 -2.21
CA ILE A 302 6.06 -6.73 -2.08
C ILE A 302 5.43 -8.01 -2.62
N SER A 303 6.22 -8.76 -3.38
CA SER A 303 5.84 -10.15 -3.68
C SER A 303 6.85 -11.06 -3.05
N LEU A 304 6.38 -12.25 -2.65
CA LEU A 304 7.25 -13.17 -1.95
C LEU A 304 6.82 -14.60 -2.10
N MET A 305 7.77 -15.49 -1.83
CA MET A 305 7.55 -16.93 -1.91
C MET A 305 7.36 -17.46 -0.52
N TYR A 306 6.32 -18.26 -0.34
CA TYR A 306 5.98 -18.89 0.94
C TYR A 306 6.23 -20.38 0.91
N TYR A 307 6.68 -20.91 2.04
CA TYR A 307 6.78 -22.35 2.26
C TYR A 307 5.73 -22.81 3.24
N ASN A 308 5.11 -23.95 2.96
CA ASN A 308 4.03 -24.48 3.82
C ASN A 308 4.58 -25.36 4.93
N LEU A 309 4.51 -24.85 6.15
CA LEU A 309 5.21 -25.41 7.28
C LEU A 309 4.32 -25.79 8.48
N GLY A 310 3.00 -25.68 8.32
CA GLY A 310 2.15 -25.97 9.45
C GLY A 310 0.69 -25.75 9.16
N HIS A 311 -0.03 -25.34 10.21
CA HIS A 311 -1.47 -25.10 10.11
C HIS A 311 -1.85 -23.91 10.99
N TYR A 312 -3.06 -23.40 10.80
CA TYR A 312 -3.59 -22.35 11.64
C TYR A 312 -4.67 -22.91 12.54
N ASP A 313 -4.53 -22.69 13.84
CA ASP A 313 -5.49 -23.11 14.86
C ASP A 313 -6.44 -21.92 15.06
N ALA A 314 -7.63 -22.01 14.46
CA ALA A 314 -8.55 -20.89 14.45
C ALA A 314 -9.08 -20.61 15.84
N LYS A 315 -9.40 -21.67 16.58
CA LYS A 315 -9.96 -21.49 17.91
C LYS A 315 -9.01 -20.72 18.80
N ASN A 316 -7.71 -21.01 18.73
CA ASN A 316 -6.73 -20.31 19.56
C ASN A 316 -5.99 -19.18 18.84
N SER A 317 -6.43 -18.86 17.62
CA SER A 317 -5.80 -17.80 16.82
C SER A 317 -4.28 -17.86 16.77
N ILE A 318 -3.76 -19.02 16.39
CA ILE A 318 -2.33 -19.20 16.35
C ILE A 318 -1.87 -20.18 15.29
N ASN A 319 -0.76 -19.85 14.63
CA ASN A 319 -0.08 -20.74 13.72
C ASN A 319 0.78 -21.74 14.47
N VAL A 320 0.69 -23.00 14.06
CA VAL A 320 1.45 -24.10 14.64
C VAL A 320 2.29 -24.64 13.48
N GLN A 321 3.60 -24.66 13.65
CA GLN A 321 4.53 -25.01 12.56
C GLN A 321 4.81 -26.52 12.59
N ASP A 322 3.75 -27.32 12.42
CA ASP A 322 3.83 -28.76 12.60
C ASP A 322 3.64 -29.62 11.36
N ARG A 323 3.91 -29.09 10.18
CA ARG A 323 3.76 -29.92 8.95
C ARG A 323 5.00 -30.78 8.67
N LYS A 324 4.79 -32.03 8.27
CA LYS A 324 5.88 -32.84 7.78
C LYS A 324 6.29 -32.36 6.41
N THR A 325 7.54 -31.93 6.27
CA THR A 325 8.06 -31.52 4.96
C THR A 325 9.55 -31.32 5.10
N PRO A 326 10.32 -31.62 4.05
CA PRO A 326 11.73 -31.27 4.06
C PRO A 326 11.99 -29.77 4.24
N LEU A 327 10.97 -28.96 3.94
CA LEU A 327 11.09 -27.52 4.14
C LEU A 327 11.19 -27.11 5.59
N GLN A 328 11.03 -28.02 6.54
CA GLN A 328 11.32 -27.66 7.92
C GLN A 328 12.81 -27.39 8.12
N ASP A 329 13.64 -27.83 7.21
CA ASP A 329 15.08 -27.63 7.32
C ASP A 329 15.49 -26.32 6.66
N GLN A 330 16.15 -25.48 7.44
CA GLN A 330 16.57 -24.15 7.01
C GLN A 330 17.42 -24.21 5.76
N ASN A 331 18.29 -25.22 5.67
CA ASN A 331 19.14 -25.36 4.51
C ASN A 331 18.33 -25.54 3.22
N VAL A 332 17.26 -26.32 3.31
CA VAL A 332 16.41 -26.58 2.17
C VAL A 332 15.67 -25.31 1.77
N ARG A 333 15.11 -24.61 2.75
CA ARG A 333 14.43 -23.33 2.45
C ARG A 333 15.38 -22.32 1.80
N GLN A 334 16.60 -22.20 2.33
CA GLN A 334 17.56 -21.28 1.72
C GLN A 334 17.97 -21.71 0.31
N ALA A 335 18.21 -22.99 0.13
CA ALA A 335 18.64 -23.47 -1.18
C ALA A 335 17.63 -23.17 -2.28
N ILE A 336 16.37 -23.40 -1.98
CA ILE A 336 15.30 -23.20 -2.96
C ILE A 336 15.20 -21.70 -3.27
N GLY A 337 15.50 -20.86 -2.30
CA GLY A 337 15.57 -19.41 -2.56
C GLY A 337 16.76 -19.02 -3.42
N TYR A 338 17.92 -19.56 -3.12
CA TYR A 338 19.12 -19.18 -3.88
C TYR A 338 19.11 -19.67 -5.31
N ALA A 339 18.31 -20.71 -5.54
CA ALA A 339 18.25 -21.30 -6.86
C ALA A 339 17.43 -20.49 -7.86
N ARG A 340 16.49 -19.70 -7.38
CA ARG A 340 15.69 -18.92 -8.31
C ARG A 340 16.54 -17.92 -9.05
N ASN A 341 16.11 -17.59 -10.27
CA ASN A 341 16.73 -16.58 -11.13
C ASN A 341 15.79 -15.37 -11.26
N VAL A 342 15.46 -14.73 -10.13
CA VAL A 342 14.49 -13.64 -10.15
C VAL A 342 14.96 -12.46 -11.01
N ALA A 343 16.23 -12.09 -10.88
CA ALA A 343 16.74 -10.97 -11.66
C ALA A 343 16.63 -11.22 -13.15
N GLU A 344 16.97 -12.43 -13.54
CA GLU A 344 16.95 -12.82 -14.97
C GLU A 344 15.51 -12.84 -15.47
N VAL A 345 14.60 -13.43 -14.68
CA VAL A 345 13.21 -13.39 -15.01
C VAL A 345 12.67 -11.95 -15.16
N ASP A 346 13.07 -11.05 -14.25
CA ASP A 346 12.63 -9.69 -14.38
C ASP A 346 13.18 -9.06 -15.65
N ASN A 347 14.42 -9.36 -16.00
CA ASN A 347 14.98 -8.80 -17.25
C ASN A 347 14.24 -9.30 -18.46
N LYS A 348 13.98 -10.59 -18.49
CA LYS A 348 13.32 -11.23 -19.64
C LYS A 348 11.87 -10.78 -19.86
N PHE A 349 11.11 -10.52 -18.79
CA PHE A 349 9.64 -10.44 -18.91
C PHE A 349 8.97 -9.16 -18.41
N SER A 350 9.58 -8.47 -17.48
CA SER A 350 8.83 -7.48 -16.72
C SER A 350 8.64 -6.13 -17.39
N ASN A 351 9.28 -5.92 -18.54
CA ASN A 351 9.30 -4.59 -19.17
C ASN A 351 9.92 -3.55 -18.23
N GLY A 352 10.83 -4.01 -17.38
CA GLY A 352 11.44 -3.19 -16.32
C GLY A 352 10.58 -2.83 -15.08
N LEU A 353 9.35 -3.34 -15.00
CA LEU A 353 8.37 -2.91 -13.98
C LEU A 353 8.47 -3.76 -12.69
N SER A 354 9.32 -4.80 -12.70
CA SER A 354 9.60 -5.64 -11.53
C SER A 354 11.11 -5.60 -11.30
N THR A 355 11.53 -5.43 -10.04
N THR A 355 11.52 -5.45 -10.03
CA THR A 355 12.93 -5.41 -9.68
CA THR A 355 12.92 -5.40 -9.68
C THR A 355 13.12 -6.33 -8.47
C THR A 355 13.14 -6.28 -8.43
N PRO A 356 14.25 -7.05 -8.41
CA PRO A 356 14.39 -8.05 -7.36
C PRO A 356 14.43 -7.41 -5.99
N ALA A 357 13.67 -8.02 -5.04
CA ALA A 357 13.60 -7.57 -3.66
C ALA A 357 14.72 -8.18 -2.90
N ASN A 358 15.35 -7.35 -2.06
CA ASN A 358 16.36 -7.80 -1.13
C ASN A 358 15.76 -8.13 0.25
N SER A 359 14.54 -7.67 0.49
CA SER A 359 13.93 -7.74 1.80
C SER A 359 12.46 -7.56 1.65
N LEU A 360 11.74 -7.70 2.78
CA LEU A 360 10.33 -7.70 2.79
C LEU A 360 9.72 -6.32 2.78
N ILE A 361 10.52 -5.28 2.99
CA ILE A 361 10.02 -3.90 3.03
C ILE A 361 10.68 -3.11 1.90
N PRO A 362 9.85 -2.48 1.05
CA PRO A 362 10.50 -1.80 -0.08
C PRO A 362 11.25 -0.52 0.32
N PRO A 363 12.25 -0.12 -0.50
CA PRO A 363 13.09 0.98 -0.12
C PRO A 363 12.46 2.37 -0.21
N ILE A 364 11.20 2.48 -0.67
CA ILE A 364 10.31 3.62 -0.40
C ILE A 364 10.49 4.08 1.03
N PHE A 365 10.54 3.10 1.94
CA PHE A 365 10.65 3.38 3.35
C PHE A 365 12.11 3.45 3.76
N LYS A 366 12.78 4.53 3.39
CA LYS A 366 14.22 4.65 3.65
C LYS A 366 14.49 4.63 5.14
N GLN A 367 13.51 5.05 5.95
CA GLN A 367 13.69 5.09 7.41
C GLN A 367 13.51 3.75 8.07
N PHE A 368 13.14 2.72 7.30
CA PHE A 368 12.89 1.37 7.83
C PHE A 368 13.61 0.26 7.07
N THR A 369 14.53 0.63 6.19
CA THR A 369 15.16 -0.28 5.25
C THR A 369 16.58 0.16 4.99
N SER A 370 17.36 -0.78 4.45
CA SER A 370 18.69 -0.51 3.89
C SER A 370 19.06 -1.48 2.79
N SER A 371 19.74 -0.98 1.78
CA SER A 371 20.19 -1.82 0.72
C SER A 371 21.31 -2.75 1.22
N SER A 372 21.85 -2.46 2.41
CA SER A 372 22.81 -3.36 3.06
C SER A 372 22.22 -4.71 3.40
N VAL A 373 20.89 -4.81 3.49
CA VAL A 373 20.25 -6.07 3.76
C VAL A 373 20.32 -6.94 2.50
N LYS A 374 20.90 -8.13 2.63
CA LYS A 374 21.06 -9.04 1.51
C LYS A 374 20.05 -10.15 1.63
N GLY A 375 19.45 -10.47 0.51
CA GLY A 375 18.45 -11.53 0.44
C GLY A 375 18.79 -12.52 -0.66
N TYR A 376 17.83 -12.85 -1.52
CA TYR A 376 17.96 -13.89 -2.55
C TYR A 376 17.85 -13.26 -3.93
N GLU A 377 18.17 -11.97 -4.00
CA GLU A 377 18.13 -11.19 -5.24
C GLU A 377 19.16 -11.61 -6.29
N LYS A 378 20.20 -12.32 -5.85
CA LYS A 378 21.21 -12.88 -6.77
C LYS A 378 21.17 -14.40 -6.76
N GLN A 379 20.95 -15.01 -7.90
CA GLN A 379 20.98 -16.48 -7.99
C GLN A 379 22.34 -16.97 -7.55
N ASP A 380 22.35 -18.09 -6.84
CA ASP A 380 23.60 -18.74 -6.42
C ASP A 380 23.33 -20.23 -6.36
N LEU A 381 23.41 -20.88 -7.53
CA LEU A 381 23.23 -22.31 -7.63
C LEU A 381 24.27 -23.11 -6.86
N ASP A 382 25.49 -22.62 -6.85
CA ASP A 382 26.56 -23.29 -6.12
C ASP A 382 26.26 -23.37 -4.64
N LYS A 383 25.81 -22.24 -4.05
CA LYS A 383 25.47 -22.22 -2.64
C LYS A 383 24.29 -23.17 -2.36
N ALA A 384 23.26 -23.10 -3.21
CA ALA A 384 22.10 -23.95 -3.04
C ALA A 384 22.47 -25.45 -3.01
N ASN A 385 23.27 -25.87 -3.99
CA ASN A 385 23.69 -27.28 -4.07
C ASN A 385 24.52 -27.69 -2.83
N LYS A 386 25.38 -26.80 -2.39
CA LYS A 386 26.18 -27.03 -1.17
C LYS A 386 25.32 -27.17 0.11
N LEU A 387 24.30 -26.31 0.24
CA LEU A 387 23.41 -26.38 1.38
C LEU A 387 22.69 -27.72 1.48
N LEU A 388 22.28 -28.24 0.33
CA LEU A 388 21.52 -29.48 0.30
C LEU A 388 22.39 -30.68 0.58
N ASP A 389 23.57 -30.69 -0.05
CA ASP A 389 24.59 -31.70 0.19
C ASP A 389 24.91 -31.83 1.66
N GLU A 390 25.13 -30.70 2.32
CA GLU A 390 25.60 -30.71 3.69
C GLU A 390 24.47 -31.06 4.66
N ASP A 391 23.23 -31.03 4.18
CA ASP A 391 22.03 -31.39 4.91
C ASP A 391 21.61 -32.87 4.65
N GLY A 392 22.40 -33.57 3.87
CA GLY A 392 22.19 -35.00 3.62
C GLY A 392 21.22 -35.32 2.50
N TRP A 393 20.81 -34.31 1.74
CA TRP A 393 19.97 -34.53 0.58
C TRP A 393 20.93 -34.79 -0.56
N LYS A 394 21.13 -36.06 -0.91
CA LYS A 394 22.23 -36.46 -1.78
C LYS A 394 21.75 -36.74 -3.19
N LEU A 395 22.52 -36.27 -4.16
CA LEU A 395 22.15 -36.34 -5.58
C LEU A 395 22.15 -37.77 -6.11
N ASN A 396 21.00 -38.24 -6.58
CA ASN A 396 20.87 -39.57 -7.22
C ASN A 396 21.24 -39.52 -8.70
N LYS A 397 22.11 -40.44 -9.09
CA LYS A 397 22.69 -40.52 -10.45
C LYS A 397 21.68 -40.86 -11.53
N SER A 398 20.88 -41.90 -11.30
CA SER A 398 19.88 -42.37 -12.25
C SER A 398 18.77 -41.36 -12.51
N THR A 399 18.55 -40.44 -11.57
CA THR A 399 17.37 -39.58 -11.63
C THR A 399 17.70 -38.11 -11.85
N GLY A 400 18.84 -37.65 -11.34
CA GLY A 400 19.17 -36.22 -11.33
C GLY A 400 18.50 -35.44 -10.19
N TYR A 401 17.85 -36.15 -9.26
CA TYR A 401 17.21 -35.52 -8.10
C TYR A 401 17.79 -36.06 -6.81
N ARG A 402 17.83 -35.23 -5.80
CA ARG A 402 18.40 -35.61 -4.50
C ARG A 402 17.43 -36.44 -3.67
N GLU A 403 17.99 -37.26 -2.79
CA GLU A 403 17.21 -38.14 -1.92
C GLU A 403 17.77 -38.15 -0.51
N LYS A 404 16.91 -38.50 0.45
CA LYS A 404 17.31 -38.74 1.86
C LYS A 404 16.43 -39.87 2.41
N ASP A 405 17.07 -40.89 3.01
CA ASP A 405 16.40 -42.13 3.42
C ASP A 405 15.54 -42.72 2.29
N GLY A 406 16.03 -42.64 1.05
CA GLY A 406 15.35 -43.25 -0.08
C GLY A 406 14.15 -42.49 -0.60
N LYS A 407 13.94 -41.28 -0.07
CA LYS A 407 12.84 -40.43 -0.52
C LYS A 407 13.38 -39.25 -1.33
N GLU A 408 12.83 -39.07 -2.51
CA GLU A 408 13.19 -37.99 -3.40
C GLU A 408 12.74 -36.63 -2.86
N LEU A 409 13.50 -35.56 -3.11
CA LEU A 409 13.11 -34.20 -2.71
C LEU A 409 12.18 -33.60 -3.78
N SER A 410 10.89 -33.80 -3.56
CA SER A 410 9.84 -33.49 -4.52
C SER A 410 8.79 -32.60 -3.89
N LEU A 411 8.54 -31.43 -4.51
CA LEU A 411 7.66 -30.42 -3.96
C LEU A 411 6.58 -29.96 -4.93
N VAL A 412 5.47 -29.51 -4.40
CA VAL A 412 4.33 -29.00 -5.16
C VAL A 412 4.29 -27.47 -5.07
N TYR A 413 4.27 -26.82 -6.22
CA TYR A 413 4.31 -25.38 -6.33
C TYR A 413 2.95 -24.84 -6.80
N ALA A 414 2.23 -24.20 -5.89
CA ALA A 414 0.96 -23.60 -6.16
C ALA A 414 1.14 -22.20 -6.75
N ALA A 415 1.61 -22.19 -8.00
CA ALA A 415 1.77 -20.94 -8.72
C ALA A 415 0.42 -20.46 -9.20
N ARG A 416 0.28 -19.16 -9.38
CA ARG A 416 -1.02 -18.65 -9.71
C ARG A 416 -1.08 -17.82 -10.97
N VAL A 417 -2.30 -17.70 -11.45
CA VAL A 417 -2.63 -16.85 -12.60
C VAL A 417 -2.39 -15.40 -12.21
N GLY A 418 -2.06 -14.53 -13.17
CA GLY A 418 -2.02 -13.11 -12.82
C GLY A 418 -1.07 -12.26 -13.62
N ASP A 419 0.23 -12.49 -13.42
CA ASP A 419 1.23 -11.93 -14.33
C ASP A 419 0.99 -12.48 -15.75
N ALA A 420 1.18 -11.64 -16.77
CA ALA A 420 0.92 -12.03 -18.20
C ALA A 420 1.76 -13.21 -18.75
N ASN A 421 2.93 -13.34 -18.17
CA ASN A 421 3.90 -14.40 -18.39
C ASN A 421 3.97 -15.35 -17.18
N ALA A 422 2.88 -15.44 -16.41
CA ALA A 422 2.88 -16.24 -15.19
C ALA A 422 3.31 -17.68 -15.38
N GLU A 423 2.84 -18.32 -16.44
CA GLU A 423 3.22 -19.71 -16.72
C GLU A 423 4.71 -19.83 -16.95
N THR A 424 5.20 -18.96 -17.80
CA THR A 424 6.59 -18.96 -18.25
C THR A 424 7.52 -18.75 -17.04
N ILE A 425 7.14 -17.80 -16.19
CA ILE A 425 7.94 -17.50 -14.99
C ILE A 425 7.97 -18.71 -14.06
N ALA A 426 6.83 -19.32 -13.75
CA ALA A 426 6.82 -20.52 -12.89
C ALA A 426 7.68 -21.63 -13.47
N GLN A 427 7.60 -21.85 -14.78
CA GLN A 427 8.45 -22.82 -15.43
C GLN A 427 9.92 -22.51 -15.33
N ASN A 428 10.31 -21.25 -15.51
N ASN A 428 10.28 -21.28 -15.49
CA ASN A 428 11.71 -20.79 -15.23
CA ASN A 428 11.65 -20.95 -15.30
C ASN A 428 12.15 -21.37 -13.89
C ASN A 428 12.17 -21.31 -13.89
N TYR A 429 11.35 -21.11 -12.85
CA TYR A 429 11.75 -21.52 -11.51
C TYR A 429 11.83 -23.05 -11.37
N ILE A 430 10.88 -23.76 -11.94
CA ILE A 430 10.91 -25.21 -11.90
C ILE A 430 12.20 -25.70 -12.52
N GLN A 431 12.61 -25.08 -13.63
CA GLN A 431 13.86 -25.50 -14.27
C GLN A 431 15.10 -25.16 -13.42
N GLN A 432 15.10 -24.04 -12.72
CA GLN A 432 16.22 -23.75 -11.81
C GLN A 432 16.26 -24.77 -10.71
N TRP A 433 15.11 -25.13 -10.18
CA TRP A 433 15.05 -26.10 -9.09
C TRP A 433 15.56 -27.46 -9.56
N LYS A 434 15.28 -27.84 -10.82
CA LYS A 434 15.87 -29.09 -11.37
C LYS A 434 17.42 -29.06 -11.33
N LYS A 435 18.00 -27.89 -11.58
CA LYS A 435 19.45 -27.75 -11.55
C LYS A 435 20.06 -28.03 -10.17
N ILE A 436 19.29 -27.88 -9.09
CA ILE A 436 19.76 -28.20 -7.73
C ILE A 436 19.22 -29.54 -7.21
N GLY A 437 18.61 -30.32 -8.08
CA GLY A 437 18.14 -31.65 -7.76
C GLY A 437 16.84 -31.69 -7.00
N VAL A 438 16.01 -30.65 -7.13
CA VAL A 438 14.73 -30.60 -6.47
C VAL A 438 13.64 -30.70 -7.54
N LYS A 439 12.75 -31.66 -7.39
CA LYS A 439 11.70 -31.91 -8.36
C LYS A 439 10.47 -31.11 -7.96
N VAL A 440 10.00 -30.21 -8.83
CA VAL A 440 8.92 -29.32 -8.47
C VAL A 440 7.89 -29.40 -9.59
N SER A 441 6.63 -29.56 -9.20
CA SER A 441 5.50 -29.66 -10.09
C SER A 441 4.43 -28.66 -9.69
N LEU A 442 3.65 -28.21 -10.66
CA LEU A 442 2.57 -27.26 -10.38
C LEU A 442 1.43 -27.97 -9.69
N TYR A 443 0.71 -27.21 -8.88
CA TYR A 443 -0.45 -27.74 -8.17
C TYR A 443 -1.50 -28.18 -9.19
N ASN A 444 -1.83 -29.47 -9.16
CA ASN A 444 -2.70 -30.06 -10.20
C ASN A 444 -2.27 -29.80 -11.63
N GLY A 445 -0.97 -29.67 -11.84
CA GLY A 445 -0.39 -29.51 -13.18
C GLY A 445 -0.71 -28.23 -13.90
N LYS A 446 -1.29 -27.24 -13.21
CA LYS A 446 -1.63 -25.98 -13.87
C LYS A 446 -1.62 -24.83 -12.88
N LEU A 447 -1.61 -23.61 -13.36
CA LEU A 447 -1.69 -22.42 -12.51
C LEU A 447 -3.02 -22.37 -11.77
N MET A 448 -3.02 -21.88 -10.53
CA MET A 448 -4.24 -21.70 -9.75
C MET A 448 -4.90 -20.36 -10.04
N GLU A 449 -6.21 -20.35 -10.27
CA GLU A 449 -6.91 -19.09 -10.38
C GLU A 449 -6.85 -18.33 -9.05
N PHE A 450 -6.88 -17.00 -9.13
CA PHE A 450 -6.70 -16.16 -7.97
C PHE A 450 -7.70 -16.46 -6.86
N ASN A 451 -8.99 -16.52 -7.18
CA ASN A 451 -9.95 -16.75 -6.10
C ASN A 451 -9.76 -18.12 -5.42
N SER A 452 -9.42 -19.12 -6.22
CA SER A 452 -9.15 -20.44 -5.69
C SER A 452 -7.90 -20.38 -4.81
N TRP A 453 -6.92 -19.60 -5.24
CA TRP A 453 -5.69 -19.47 -4.44
C TRP A 453 -5.98 -18.83 -3.10
N VAL A 454 -6.74 -17.72 -3.10
CA VAL A 454 -7.09 -17.07 -1.86
C VAL A 454 -7.80 -18.04 -0.93
N ASP A 455 -8.78 -18.75 -1.47
CA ASP A 455 -9.48 -19.79 -0.69
C ASP A 455 -8.52 -20.85 -0.11
N HIS A 456 -7.59 -21.31 -0.94
CA HIS A 456 -6.66 -22.34 -0.49
C HIS A 456 -5.78 -21.87 0.66
N MET A 457 -5.38 -20.60 0.60
CA MET A 457 -4.41 -20.07 1.55
C MET A 457 -5.05 -19.57 2.82
N THR A 458 -6.30 -19.14 2.75
CA THR A 458 -6.92 -18.49 3.90
C THR A 458 -7.98 -19.29 4.66
N THR A 459 -8.45 -20.42 4.12
CA THR A 459 -9.40 -21.25 4.83
C THR A 459 -8.70 -22.08 5.88
N PRO A 460 -8.95 -21.83 7.17
CA PRO A 460 -8.30 -22.69 8.15
C PRO A 460 -8.75 -24.13 8.05
N PRO A 461 -7.91 -25.08 8.47
CA PRO A 461 -6.63 -24.87 9.13
C PRO A 461 -5.46 -24.71 8.17
N GLY A 462 -5.72 -24.62 6.89
CA GLY A 462 -4.69 -24.66 5.89
C GLY A 462 -4.62 -26.01 5.22
N ALA A 463 -4.19 -26.05 3.98
CA ALA A 463 -4.09 -27.31 3.22
C ALA A 463 -2.71 -27.96 3.42
N ASN A 464 -2.59 -29.21 3.07
CA ASN A 464 -1.39 -29.98 3.25
C ASN A 464 -0.84 -30.42 1.92
N ASP A 465 -1.41 -29.94 0.81
CA ASP A 465 -1.14 -30.46 -0.52
C ASP A 465 -0.40 -29.49 -1.42
N TRP A 466 0.25 -28.52 -0.79
CA TRP A 466 1.18 -27.61 -1.48
C TRP A 466 2.41 -27.37 -0.59
N ASP A 467 3.52 -27.03 -1.23
CA ASP A 467 4.77 -26.80 -0.53
C ASP A 467 5.27 -25.37 -0.70
N ILE A 468 5.19 -24.84 -1.90
CA ILE A 468 5.66 -23.52 -2.29
C ILE A 468 4.50 -22.76 -2.90
N THR A 469 4.34 -21.48 -2.57
CA THR A 469 3.41 -20.62 -3.30
C THR A 469 3.94 -19.20 -3.35
N ASP A 470 3.30 -18.36 -4.10
CA ASP A 470 3.68 -16.95 -4.21
C ASP A 470 2.53 -16.11 -3.75
N GLY A 471 2.83 -15.01 -3.08
CA GLY A 471 1.80 -14.04 -2.66
C GLY A 471 2.32 -12.65 -2.86
N SER A 472 1.44 -11.67 -2.84
CA SER A 472 1.86 -10.30 -3.08
C SER A 472 0.90 -9.40 -2.38
N TRP A 473 1.46 -8.28 -1.90
CA TRP A 473 0.70 -7.41 -1.02
C TRP A 473 0.90 -5.97 -1.40
N SER A 474 -0.22 -5.27 -1.26
CA SER A 474 -0.29 -3.82 -1.29
C SER A 474 -0.02 -3.34 0.13
N LEU A 475 1.11 -2.67 0.36
CA LEU A 475 1.52 -2.29 1.72
C LEU A 475 1.02 -0.92 2.13
N ALA A 476 0.66 -0.82 3.40
CA ALA A 476 0.22 0.42 3.98
C ALA A 476 1.43 1.28 4.27
N SER A 477 1.21 2.58 4.39
CA SER A 477 2.30 3.54 4.57
C SER A 477 2.85 3.52 6.03
N GLU A 478 2.17 2.83 6.91
CA GLU A 478 2.80 2.31 8.16
C GLU A 478 2.98 0.81 7.89
N PRO A 479 4.22 0.37 7.69
CA PRO A 479 4.41 -0.96 7.10
C PRO A 479 4.69 -2.05 8.16
N SER A 480 4.30 -1.94 9.44
CA SER A 480 4.51 -3.11 10.33
C SER A 480 3.85 -4.33 9.68
N GLN A 481 4.46 -5.46 9.85
CA GLN A 481 3.97 -6.66 9.20
C GLN A 481 3.46 -7.66 10.19
N GLN A 482 2.98 -7.21 11.34
CA GLN A 482 2.31 -8.14 12.28
C GLN A 482 1.15 -8.89 11.61
N ASP A 483 0.35 -8.19 10.80
CA ASP A 483 -0.80 -8.84 10.14
C ASP A 483 -0.45 -9.80 9.01
N LEU A 484 0.84 -9.85 8.64
CA LEU A 484 1.28 -10.71 7.56
C LEU A 484 2.03 -11.91 8.12
N PHE A 485 2.85 -11.70 9.16
CA PHE A 485 3.81 -12.73 9.58
C PHE A 485 3.82 -13.05 11.04
N SER A 486 2.99 -12.42 11.86
CA SER A 486 2.96 -12.80 13.28
C SER A 486 2.41 -14.22 13.53
N ALA A 487 2.71 -14.77 14.68
CA ALA A 487 2.26 -16.10 15.04
C ALA A 487 0.71 -16.16 15.04
N ALA A 488 0.04 -15.06 15.34
CA ALA A 488 -1.42 -15.04 15.40
C ALA A 488 -2.08 -14.75 14.04
N ALA A 489 -1.29 -14.40 13.03
CA ALA A 489 -1.86 -13.86 11.78
C ALA A 489 -2.44 -14.94 10.87
N PRO A 490 -3.74 -14.87 10.54
CA PRO A 490 -4.23 -15.79 9.49
C PRO A 490 -3.54 -15.65 8.14
N TYR A 491 -3.00 -14.46 7.87
CA TYR A 491 -2.30 -14.23 6.60
C TYR A 491 -0.91 -14.83 6.52
N ASN A 492 -0.45 -15.45 7.60
CA ASN A 492 0.83 -16.16 7.65
C ASN A 492 0.57 -17.51 6.98
N PHE A 493 0.55 -17.50 5.65
CA PHE A 493 0.03 -18.63 4.86
C PHE A 493 0.72 -19.95 5.01
N GLY A 494 2.02 -19.89 5.29
CA GLY A 494 2.78 -21.08 5.53
C GLY A 494 2.86 -21.50 7.00
N HIS A 495 2.38 -20.63 7.89
CA HIS A 495 2.17 -21.02 9.31
C HIS A 495 3.45 -21.24 10.07
N PHE A 496 4.47 -20.42 9.83
CA PHE A 496 5.66 -20.48 10.66
C PHE A 496 5.44 -19.82 12.01
N ASN A 497 6.21 -20.26 13.01
CA ASN A 497 6.14 -19.73 14.35
C ASN A 497 7.54 -19.83 14.95
N ASP A 498 8.19 -18.69 15.10
CA ASP A 498 9.59 -18.63 15.48
C ASP A 498 9.78 -17.58 16.57
N SER A 499 10.33 -18.00 17.69
CA SER A 499 10.49 -17.09 18.83
C SER A 499 11.29 -15.81 18.52
N GLU A 500 12.33 -15.95 17.69
CA GLU A 500 13.21 -14.83 17.32
C GLU A 500 12.43 -13.84 16.46
N ILE A 501 11.67 -14.35 15.48
CA ILE A 501 10.85 -13.49 14.63
C ILE A 501 9.76 -12.79 15.43
N THR A 502 9.12 -13.50 16.34
CA THR A 502 8.13 -12.87 17.24
C THR A 502 8.74 -11.74 18.05
N LYS A 503 9.93 -11.96 18.61
CA LYS A 503 10.61 -10.90 19.37
C LYS A 503 10.91 -9.72 18.45
N ASP A 504 11.33 -10.00 17.23
CA ASP A 504 11.70 -8.95 16.27
C ASP A 504 10.48 -8.13 15.92
N LEU A 505 9.39 -8.80 15.59
CA LEU A 505 8.13 -8.12 15.23
C LEU A 505 7.65 -7.28 16.40
N ASN A 506 7.69 -7.82 17.61
CA ASN A 506 7.27 -7.04 18.77
C ASN A 506 8.17 -5.82 19.01
N ASP A 507 9.48 -5.98 18.79
CA ASP A 507 10.44 -4.88 19.02
C ASP A 507 10.13 -3.68 18.10
N ILE A 508 9.72 -3.97 16.87
CA ILE A 508 9.36 -2.93 15.91
C ILE A 508 8.21 -2.09 16.42
N ASP A 509 7.26 -2.70 17.15
CA ASP A 509 6.08 -1.98 17.61
C ASP A 509 6.15 -1.60 19.09
N SER A 510 7.35 -1.64 19.68
CA SER A 510 7.56 -1.43 21.10
C SER A 510 7.77 0.05 21.44
N ALA A 511 7.68 0.36 22.73
CA ALA A 511 7.93 1.72 23.16
C ALA A 511 9.32 2.26 22.79
N LYS A 512 10.35 1.40 22.84
CA LYS A 512 11.68 1.82 22.41
C LYS A 512 11.70 2.25 20.95
N SER A 513 10.81 1.67 20.15
CA SER A 513 10.71 2.06 18.74
C SER A 513 9.99 3.36 18.51
N GLU A 514 9.52 4.02 19.58
CA GLU A 514 9.04 5.40 19.46
C GLU A 514 10.22 6.30 19.05
N ASN A 515 11.45 5.83 19.29
CA ASN A 515 12.66 6.41 18.73
C ASN A 515 12.94 5.92 17.30
N PRO A 516 13.01 6.84 16.34
CA PRO A 516 13.13 6.37 14.93
C PRO A 516 14.44 5.65 14.62
N THR A 517 15.52 5.95 15.32
CA THR A 517 16.77 5.27 15.06
C THR A 517 16.70 3.83 15.55
N TYR A 518 16.14 3.65 16.73
CA TYR A 518 15.91 2.32 17.24
C TYR A 518 14.95 1.53 16.33
N ARG A 519 13.88 2.18 15.89
CA ARG A 519 12.91 1.44 15.07
C ARG A 519 13.52 1.01 13.77
N LYS A 520 14.32 1.87 13.13
CA LYS A 520 15.04 1.47 11.95
C LYS A 520 15.85 0.22 12.16
N ALA A 521 16.61 0.20 13.26
CA ALA A 521 17.40 -0.96 13.60
C ALA A 521 16.56 -2.20 13.82
N ALA A 522 15.39 -2.00 14.44
CA ALA A 522 14.50 -3.14 14.66
C ALA A 522 13.97 -3.64 13.34
N PHE A 523 13.63 -2.75 12.43
CA PHE A 523 13.13 -3.21 11.11
C PHE A 523 14.24 -3.92 10.35
N VAL A 524 15.46 -3.39 10.41
CA VAL A 524 16.59 -3.99 9.70
C VAL A 524 16.89 -5.38 10.26
N LYS A 525 16.88 -5.55 11.59
CA LYS A 525 17.14 -6.86 12.16
C LYS A 525 16.06 -7.87 11.76
N TYR A 526 14.82 -7.43 11.85
CA TYR A 526 13.71 -8.26 11.38
C TYR A 526 13.90 -8.74 9.95
N GLN A 527 14.22 -7.83 9.06
CA GLN A 527 14.42 -8.15 7.63
C GLN A 527 15.57 -9.13 7.44
N GLU A 528 16.67 -8.95 8.15
CA GLU A 528 17.79 -9.88 8.06
C GLU A 528 17.42 -11.24 8.60
N ASP A 529 16.76 -11.29 9.77
CA ASP A 529 16.37 -12.55 10.37
C ASP A 529 15.37 -13.31 9.51
N MET A 530 14.42 -12.61 8.89
CA MET A 530 13.48 -13.26 7.99
C MET A 530 14.22 -13.88 6.81
N ASN A 531 15.19 -13.15 6.24
CA ASN A 531 15.94 -13.71 5.18
C ASN A 531 16.73 -14.95 5.57
N LYS A 532 17.38 -14.91 6.73
CA LYS A 532 18.17 -16.04 7.16
C LYS A 532 17.30 -17.27 7.45
N LYS A 533 16.20 -17.08 8.17
CA LYS A 533 15.33 -18.19 8.52
C LYS A 533 14.63 -18.76 7.27
N ALA A 534 14.31 -17.87 6.33
CA ALA A 534 13.83 -18.27 5.04
C ALA A 534 12.51 -19.02 5.13
N TYR A 535 11.66 -18.68 6.10
CA TYR A 535 10.31 -19.18 6.07
C TYR A 535 9.54 -18.64 4.86
N VAL A 536 9.88 -17.42 4.47
CA VAL A 536 9.43 -16.74 3.27
C VAL A 536 10.64 -16.13 2.60
N ILE A 537 10.57 -15.94 1.30
CA ILE A 537 11.69 -15.41 0.52
C ILE A 537 11.14 -14.20 -0.25
N PRO A 538 11.65 -12.99 0.00
CA PRO A 538 11.23 -11.89 -0.86
C PRO A 538 11.51 -12.12 -2.33
N THR A 539 10.56 -11.76 -3.19
CA THR A 539 10.75 -11.89 -4.60
C THR A 539 10.99 -10.56 -5.32
N ASN A 540 9.95 -9.75 -5.48
CA ASN A 540 10.07 -8.51 -6.26
C ASN A 540 9.49 -7.31 -5.54
N PHE A 541 10.06 -6.16 -5.87
CA PHE A 541 9.40 -4.90 -5.75
C PHE A 541 8.85 -4.54 -7.12
N MET A 542 8.08 -3.48 -7.18
N MET A 542 7.95 -3.55 -7.18
CA MET A 542 7.49 -3.07 -8.42
CA MET A 542 7.32 -3.17 -8.48
C MET A 542 7.63 -1.62 -8.67
C MET A 542 7.24 -1.67 -8.68
N LEU A 543 7.43 -1.26 -9.95
CA LEU A 543 7.38 0.14 -10.39
C LEU A 543 6.03 0.37 -11.01
N ASN A 544 5.40 1.49 -10.63
CA ASN A 544 4.20 1.99 -11.29
C ASN A 544 4.68 2.98 -12.35
N TYR A 545 4.01 3.02 -13.49
CA TYR A 545 4.36 3.97 -14.54
C TYR A 545 3.19 4.87 -14.84
N THR A 546 3.50 6.05 -15.35
CA THR A 546 2.48 7.05 -15.63
C THR A 546 2.92 7.81 -16.88
N PRO A 547 2.18 7.70 -18.00
CA PRO A 547 2.47 8.57 -19.14
C PRO A 547 2.01 10.01 -18.91
N VAL A 548 2.84 10.97 -19.31
CA VAL A 548 2.57 12.40 -19.09
C VAL A 548 2.82 13.15 -20.38
N ASN A 549 1.79 13.87 -20.85
CA ASN A 549 1.93 14.63 -22.10
C ASN A 549 3.05 15.64 -21.93
N LYS A 550 3.87 15.81 -22.96
CA LYS A 550 5.06 16.67 -22.86
C LYS A 550 4.76 18.16 -22.58
N ARG A 551 3.50 18.59 -22.69
CA ARG A 551 3.14 19.95 -22.31
C ARG A 551 2.99 20.18 -20.81
N VAL A 552 2.95 19.11 -20.02
CA VAL A 552 2.63 19.30 -18.61
C VAL A 552 3.88 19.74 -17.90
N VAL A 553 3.72 20.70 -17.00
CA VAL A 553 4.81 21.31 -16.27
C VAL A 553 4.58 21.04 -14.78
N GLY A 554 5.64 20.64 -14.06
CA GLY A 554 5.56 20.46 -12.60
C GLY A 554 5.08 19.09 -12.17
N MET A 555 4.95 18.16 -13.10
CA MET A 555 4.49 16.81 -12.74
C MET A 555 5.61 15.97 -12.13
N THR A 556 5.26 15.27 -11.05
CA THR A 556 6.18 14.40 -10.35
C THR A 556 5.38 13.34 -9.62
N LEU A 557 5.98 12.16 -9.52
CA LEU A 557 5.41 11.07 -8.73
C LEU A 557 6.07 10.96 -7.35
N ASP A 558 6.93 11.91 -6.98
CA ASP A 558 7.58 11.94 -5.66
C ASP A 558 6.52 11.84 -4.56
N TYR A 559 6.67 10.85 -3.67
CA TYR A 559 5.70 10.68 -2.62
C TYR A 559 5.78 11.83 -1.61
N GLY A 560 6.89 12.58 -1.62
CA GLY A 560 7.06 13.76 -0.80
C GLY A 560 6.52 15.06 -1.38
N ALA A 561 6.02 14.99 -2.61
CA ALA A 561 5.55 16.19 -3.27
C ALA A 561 4.16 16.47 -2.76
N MET A 562 3.99 17.55 -2.00
CA MET A 562 2.74 17.81 -1.30
C MET A 562 1.82 18.82 -1.98
N ASN A 563 2.33 19.55 -2.96
CA ASN A 563 1.62 20.71 -3.52
C ASN A 563 1.43 20.54 -5.01
N THR A 564 1.42 19.31 -5.54
CA THR A 564 1.46 19.10 -6.98
C THR A 564 0.23 19.71 -7.67
N TRP A 565 -0.95 19.63 -7.08
CA TRP A 565 -2.15 20.14 -7.77
C TRP A 565 -2.12 21.66 -7.92
N SER A 566 -1.47 22.37 -7.01
CA SER A 566 -1.31 23.83 -7.13
C SER A 566 -0.17 24.19 -8.04
N GLU A 567 0.88 23.37 -8.07
CA GLU A 567 2.07 23.67 -8.88
C GLU A 567 1.96 23.28 -10.34
N ILE A 568 1.22 22.23 -10.62
CA ILE A 568 1.17 21.66 -11.96
C ILE A 568 0.55 22.67 -12.93
N GLY A 569 1.05 22.66 -14.17
CA GLY A 569 0.56 23.58 -15.18
C GLY A 569 0.76 22.97 -16.55
N VAL A 570 0.53 23.79 -17.58
CA VAL A 570 0.78 23.39 -18.97
C VAL A 570 1.57 24.47 -19.69
N SER A 571 2.46 24.07 -20.60
CA SER A 571 3.32 25.04 -21.29
C SER A 571 2.62 25.70 -22.46
N SER A 572 1.51 25.10 -22.88
CA SER A 572 0.68 25.66 -23.93
C SER A 572 -0.74 25.14 -23.79
N ALA A 573 -1.70 25.97 -24.20
CA ALA A 573 -3.11 25.63 -24.14
C ALA A 573 -3.53 24.73 -25.29
N ALA B 1 -3.89 -3.98 7.80
CA ALA B 1 -3.59 -2.79 6.96
C ALA B 1 -3.21 -3.16 5.53
N HIS B 2 -2.67 -4.36 5.34
CA HIS B 2 -2.21 -4.77 4.02
C HIS B 2 -3.20 -5.74 3.42
N ALA B 3 -3.26 -5.71 2.10
CA ALA B 3 -4.28 -6.45 1.39
C ALA B 3 -3.70 -7.14 0.18
N LYS B 4 -4.34 -8.24 -0.22
CA LYS B 4 -3.83 -9.07 -1.34
C LYS B 4 -3.77 -8.19 -2.57
N ALA B 5 -2.63 -8.19 -3.26
CA ALA B 5 -2.49 -7.39 -4.45
C ALA B 5 -1.04 -7.17 -4.84
#